data_9JGB
#
_entry.id   9JGB
#
_cell.length_a   113.810
_cell.length_b   113.810
_cell.length_c   102.400
_cell.angle_alpha   90.00
_cell.angle_beta   90.00
_cell.angle_gamma   120.00
#
_symmetry.space_group_name_H-M   'H 3 2'
#
loop_
_entity.id
_entity.type
_entity.pdbx_description
1 polymer 'Ribosomal RNA small subunit methyltransferase Nep1'
2 non-polymer 'SULFATE ION'
3 non-polymer 'SULFITE ION'
4 non-polymer 1,2-ETHANEDIOL
5 non-polymer DI(HYDROXYETHYL)ETHER
6 water water
#
_entity_poly.entity_id   1
_entity_poly.type   'polypeptide(L)'
_entity_poly.pdbx_seq_one_letter_code
;MEEKKRLHLIIADAELETVPPEILDHPAIVNYAKRRKKRPEKIILDSTYHHAALRQLEDGERRGRPDIVHICLLNALDSI
LNKEDRLRVYVHTRNDYVIYIKPETRLPRNYNRFIGLMENLFEKGAVPEDLELLRMEKKTLNELIEEINPDVVFIMHEEG
ELMIPKNFGKLLDKFKKPTVIVGGFPHGDFKSKVDGVKISLYREPLMAWTIVNEVIVSYEWEVIKKFKS
;
_entity_poly.pdbx_strand_id   A
#
# COMPACT_ATOMS: atom_id res chain seq x y z
N GLU A 2 3.99 22.74 3.75
CA GLU A 2 4.10 21.71 2.68
C GLU A 2 5.19 22.10 1.68
N GLU A 3 6.34 22.53 2.22
CA GLU A 3 7.50 22.88 1.42
C GLU A 3 8.72 22.12 1.93
N LYS A 4 8.58 21.41 3.04
CA LYS A 4 9.70 20.69 3.63
C LYS A 4 9.87 19.35 2.90
N LYS A 5 11.05 18.76 3.02
CA LYS A 5 11.33 17.47 2.44
C LYS A 5 10.45 16.41 3.10
N ARG A 6 9.60 15.74 2.30
CA ARG A 6 8.87 14.59 2.78
C ARG A 6 9.06 13.42 1.81
N LEU A 7 8.86 12.20 2.31
CA LEU A 7 8.84 11.04 1.45
C LEU A 7 7.39 10.72 1.07
N HIS A 8 7.13 10.70 -0.24
CA HIS A 8 5.85 10.23 -0.76
C HIS A 8 5.97 8.75 -1.10
N LEU A 9 5.27 7.93 -0.30
CA LEU A 9 5.42 6.49 -0.33
C LEU A 9 4.12 5.85 -0.79
N ILE A 10 4.15 5.22 -1.98
CA ILE A 10 3.00 4.58 -2.57
C ILE A 10 3.13 3.08 -2.44
N ILE A 11 2.17 2.44 -1.77
CA ILE A 11 2.01 1.00 -1.77
C ILE A 11 1.22 0.63 -3.01
N ALA A 12 1.89 0.08 -4.03
CA ALA A 12 1.33 0.03 -5.37
C ALA A 12 0.78 -1.36 -5.65
N ASP A 13 -0.17 -1.40 -6.60
CA ASP A 13 -0.65 -2.63 -7.20
C ASP A 13 -1.09 -3.57 -6.08
N ALA A 14 -1.65 -2.97 -5.04
CA ALA A 14 -1.98 -3.68 -3.81
C ALA A 14 -3.10 -4.70 -4.05
N GLU A 15 -2.97 -5.87 -3.40
CA GLU A 15 -3.98 -6.90 -3.48
C GLU A 15 -5.07 -6.59 -2.46
N LEU A 16 -5.61 -5.36 -2.58
CA LEU A 16 -6.72 -4.92 -1.76
C LEU A 16 -7.89 -4.60 -2.68
N GLU A 17 -8.92 -5.46 -2.60
CA GLU A 17 -10.10 -5.33 -3.43
C GLU A 17 -11.25 -6.03 -2.72
N THR A 18 -12.47 -5.68 -3.15
CA THR A 18 -13.62 -6.41 -2.68
C THR A 18 -13.75 -7.63 -3.57
N VAL A 19 -14.67 -8.53 -3.21
CA VAL A 19 -14.72 -9.79 -3.91
C VAL A 19 -14.88 -9.46 -5.39
N PRO A 20 -14.08 -10.08 -6.28
CA PRO A 20 -14.29 -9.94 -7.71
C PRO A 20 -15.65 -10.45 -8.21
N PRO A 21 -16.29 -9.72 -9.15
CA PRO A 21 -17.59 -10.10 -9.70
C PRO A 21 -17.66 -11.55 -10.16
N GLU A 22 -16.56 -12.02 -10.75
CA GLU A 22 -16.47 -13.36 -11.30
C GLU A 22 -16.91 -14.41 -10.28
N ILE A 23 -16.51 -14.25 -9.00
CA ILE A 23 -16.65 -15.32 -8.02
C ILE A 23 -17.63 -14.95 -6.90
N LEU A 24 -18.62 -14.10 -7.16
CA LEU A 24 -19.58 -13.72 -6.14
C LEU A 24 -20.51 -14.90 -5.84
N ASP A 25 -20.54 -15.88 -6.74
CA ASP A 25 -21.43 -17.02 -6.57
C ASP A 25 -20.61 -18.31 -6.48
N HIS A 26 -19.39 -18.22 -5.96
CA HIS A 26 -18.63 -19.42 -5.65
C HIS A 26 -19.08 -19.83 -4.26
N PRO A 27 -19.27 -21.14 -3.97
CA PRO A 27 -19.77 -21.57 -2.67
C PRO A 27 -19.12 -20.87 -1.49
N ALA A 28 -17.77 -20.81 -1.53
CA ALA A 28 -16.94 -20.43 -0.41
C ALA A 28 -17.20 -18.96 -0.12
N ILE A 29 -17.53 -18.20 -1.18
CA ILE A 29 -17.82 -16.78 -1.05
C ILE A 29 -19.21 -16.57 -0.42
N VAL A 30 -20.17 -17.47 -0.74
CA VAL A 30 -21.54 -17.35 -0.28
C VAL A 30 -21.62 -17.77 1.19
N ASN A 31 -20.97 -18.90 1.50
CA ASN A 31 -20.97 -19.46 2.84
C ASN A 31 -20.30 -18.52 3.83
N TYR A 32 -19.29 -17.80 3.32
CA TYR A 32 -18.57 -16.84 4.13
C TYR A 32 -19.44 -15.60 4.29
N ALA A 33 -20.07 -15.19 3.18
CA ALA A 33 -20.87 -13.98 3.15
C ALA A 33 -22.10 -14.16 4.01
N LYS A 34 -22.62 -15.40 4.01
CA LYS A 34 -23.76 -15.79 4.83
C LYS A 34 -23.38 -15.70 6.30
N ARG A 35 -22.32 -16.42 6.71
CA ARG A 35 -21.92 -16.42 8.11
C ARG A 35 -21.68 -14.98 8.58
N ARG A 36 -21.02 -14.16 7.76
CA ARG A 36 -20.71 -12.79 8.15
C ARG A 36 -21.86 -11.84 7.87
N LYS A 37 -23.02 -12.39 7.48
CA LYS A 37 -24.23 -11.60 7.29
C LYS A 37 -23.88 -10.33 6.50
N LYS A 38 -23.23 -10.51 5.34
CA LYS A 38 -22.83 -9.36 4.54
C LYS A 38 -22.90 -9.71 3.06
N ARG A 39 -23.37 -8.74 2.26
CA ARG A 39 -23.47 -8.91 0.82
C ARG A 39 -22.08 -9.16 0.22
N PRO A 40 -21.88 -10.29 -0.51
CA PRO A 40 -20.54 -10.71 -0.93
C PRO A 40 -19.70 -9.65 -1.62
N GLU A 41 -20.37 -8.79 -2.40
CA GLU A 41 -19.71 -7.78 -3.22
C GLU A 41 -19.17 -6.63 -2.37
N LYS A 42 -19.58 -6.57 -1.09
CA LYS A 42 -19.11 -5.56 -0.15
C LYS A 42 -17.87 -6.02 0.61
N ILE A 43 -17.61 -7.34 0.59
CA ILE A 43 -16.62 -7.95 1.46
C ILE A 43 -15.22 -7.74 0.86
N ILE A 44 -14.22 -7.49 1.70
CA ILE A 44 -12.84 -7.44 1.23
C ILE A 44 -12.34 -8.86 0.98
N LEU A 45 -11.76 -9.07 -0.21
CA LEU A 45 -11.22 -10.36 -0.61
C LEU A 45 -9.98 -10.66 0.22
N ASP A 46 -10.05 -11.81 0.90
CA ASP A 46 -9.04 -12.30 1.82
C ASP A 46 -8.82 -13.78 1.51
N SER A 47 -7.70 -14.08 0.83
CA SER A 47 -7.36 -15.42 0.37
C SER A 47 -7.37 -16.44 1.51
N THR A 48 -6.99 -16.04 2.73
CA THR A 48 -6.94 -16.97 3.86
C THR A 48 -8.30 -17.64 4.05
N TYR A 49 -9.39 -16.92 3.81
CA TYR A 49 -10.73 -17.50 3.87
C TYR A 49 -11.22 -17.92 2.48
N HIS A 50 -10.83 -17.19 1.43
CA HIS A 50 -11.46 -17.33 0.14
C HIS A 50 -10.62 -18.11 -0.87
N HIS A 51 -9.66 -18.91 -0.40
CA HIS A 51 -8.71 -19.57 -1.29
C HIS A 51 -9.46 -20.44 -2.29
N ALA A 52 -10.42 -21.22 -1.78
CA ALA A 52 -11.11 -22.22 -2.56
C ALA A 52 -11.85 -21.59 -3.74
N ALA A 53 -12.00 -20.25 -3.71
CA ALA A 53 -12.70 -19.50 -4.73
C ALA A 53 -11.74 -18.81 -5.68
N LEU A 54 -10.43 -18.90 -5.40
CA LEU A 54 -9.45 -18.18 -6.18
C LEU A 54 -8.75 -19.12 -7.16
N ARG A 55 -8.96 -20.44 -6.98
CA ARG A 55 -8.27 -21.47 -7.74
C ARG A 55 -8.30 -21.18 -9.24
N GLN A 56 -9.43 -20.65 -9.72
CA GLN A 56 -9.69 -20.55 -11.14
C GLN A 56 -9.70 -19.09 -11.58
N LEU A 57 -9.49 -18.15 -10.64
CA LEU A 57 -9.48 -16.73 -10.94
C LEU A 57 -8.11 -16.33 -11.48
N GLU A 58 -8.09 -15.36 -12.39
CA GLU A 58 -6.84 -14.82 -12.92
C GLU A 58 -6.02 -14.23 -11.76
N ASP A 59 -4.71 -14.47 -11.79
CA ASP A 59 -3.79 -14.04 -10.75
C ASP A 59 -4.27 -14.49 -9.37
N GLY A 60 -5.21 -15.45 -9.31
CA GLY A 60 -5.92 -15.81 -8.09
C GLY A 60 -5.00 -16.13 -6.89
N GLU A 61 -3.77 -16.55 -7.18
CA GLU A 61 -2.87 -17.08 -6.17
C GLU A 61 -2.14 -15.96 -5.44
N ARG A 62 -2.16 -14.74 -5.98
CA ARG A 62 -1.51 -13.61 -5.32
C ARG A 62 -2.54 -12.61 -4.81
N ARG A 63 -3.82 -12.86 -5.08
CA ARG A 63 -4.85 -11.86 -4.83
C ARG A 63 -5.46 -12.04 -3.45
N GLY A 64 -6.02 -10.95 -2.94
CA GLY A 64 -6.71 -10.99 -1.66
C GLY A 64 -5.75 -11.17 -0.49
N ARG A 65 -4.78 -10.27 -0.41
CA ARG A 65 -3.79 -10.25 0.66
C ARG A 65 -3.73 -8.84 1.24
N PRO A 66 -4.87 -8.30 1.76
CA PRO A 66 -4.89 -6.98 2.41
C PRO A 66 -3.99 -6.85 3.64
N ASP A 67 -3.72 -7.99 4.29
CA ASP A 67 -2.73 -8.10 5.35
C ASP A 67 -1.45 -7.34 4.98
N ILE A 68 -0.93 -7.53 3.76
CA ILE A 68 0.34 -6.90 3.40
C ILE A 68 0.24 -5.39 3.58
N VAL A 69 -0.90 -4.83 3.17
CA VAL A 69 -1.16 -3.40 3.29
C VAL A 69 -1.23 -3.01 4.77
N HIS A 70 -2.04 -3.72 5.55
CA HIS A 70 -2.19 -3.45 6.96
C HIS A 70 -0.84 -3.24 7.64
N ILE A 71 0.07 -4.20 7.45
CA ILE A 71 1.35 -4.24 8.12
C ILE A 71 2.26 -3.12 7.63
N CYS A 72 2.14 -2.78 6.34
CA CYS A 72 2.90 -1.69 5.75
C CYS A 72 2.43 -0.33 6.27
N LEU A 73 1.14 -0.22 6.57
CA LEU A 73 0.59 1.05 7.00
C LEU A 73 0.90 1.22 8.49
N LEU A 74 0.68 0.19 9.30
CA LEU A 74 1.04 0.26 10.71
C LEU A 74 2.52 0.61 10.83
N ASN A 75 3.32 0.16 9.86
CA ASN A 75 4.74 0.44 9.88
C ASN A 75 4.95 1.91 9.55
N ALA A 76 4.35 2.34 8.45
CA ALA A 76 4.56 3.69 7.95
C ALA A 76 4.03 4.74 8.93
N LEU A 77 2.77 4.58 9.36
CA LEU A 77 2.02 5.63 10.03
C LEU A 77 2.48 5.82 11.45
N ASP A 78 2.94 4.75 12.10
CA ASP A 78 3.46 4.89 13.44
C ASP A 78 4.95 5.19 13.40
N SER A 79 5.51 5.34 12.21
CA SER A 79 6.93 5.65 12.10
C SER A 79 7.22 6.96 12.80
N ILE A 80 8.45 7.12 13.27
CA ILE A 80 8.90 8.42 13.74
C ILE A 80 8.80 9.44 12.61
N LEU A 81 9.10 8.98 11.38
CA LEU A 81 9.16 9.84 10.21
C LEU A 81 7.82 10.55 10.01
N ASN A 82 6.73 9.81 10.29
CA ASN A 82 5.38 10.33 10.10
C ASN A 82 5.08 11.31 11.22
N LYS A 83 5.56 10.98 12.42
CA LYS A 83 5.29 11.80 13.59
C LYS A 83 5.93 13.17 13.37
N GLU A 84 7.08 13.20 12.67
CA GLU A 84 7.81 14.43 12.40
C GLU A 84 7.27 15.18 11.17
N ASP A 85 6.18 14.70 10.59
CA ASP A 85 5.63 15.32 9.40
C ASP A 85 6.67 15.30 8.27
N ARG A 86 7.09 14.09 7.88
CA ARG A 86 8.05 13.91 6.81
C ARG A 86 7.66 12.71 5.96
N LEU A 87 6.36 12.43 5.86
CA LEU A 87 5.89 11.28 5.11
C LEU A 87 4.43 11.47 4.72
N ARG A 88 4.19 11.41 3.40
CA ARG A 88 2.86 11.11 2.88
C ARG A 88 2.87 9.66 2.37
N VAL A 89 1.88 8.87 2.78
CA VAL A 89 1.75 7.48 2.38
C VAL A 89 0.46 7.31 1.55
N TYR A 90 0.54 6.52 0.49
CA TYR A 90 -0.59 6.32 -0.42
C TYR A 90 -0.74 4.82 -0.70
N VAL A 91 -1.95 4.42 -1.11
CA VAL A 91 -2.17 3.05 -1.53
C VAL A 91 -2.82 3.11 -2.91
N HIS A 92 -2.18 2.48 -3.90
CA HIS A 92 -2.73 2.28 -5.23
C HIS A 92 -2.98 0.79 -5.37
N THR A 93 -4.23 0.40 -5.72
CA THR A 93 -4.66 -1.00 -5.74
C THR A 93 -4.45 -1.61 -7.12
N ARG A 94 -4.54 -2.96 -7.15
CA ARG A 94 -4.49 -3.74 -8.38
C ARG A 94 -5.69 -3.47 -9.28
N ASN A 95 -6.63 -2.62 -8.85
CA ASN A 95 -7.76 -2.24 -9.68
C ASN A 95 -7.78 -0.74 -9.90
N ASP A 96 -6.61 -0.09 -9.83
CA ASP A 96 -6.51 1.31 -10.18
C ASP A 96 -7.52 2.13 -9.36
N TYR A 97 -7.48 1.92 -8.04
CA TYR A 97 -8.06 2.83 -7.07
C TYR A 97 -6.95 3.32 -6.14
N VAL A 98 -7.02 4.61 -5.78
CA VAL A 98 -6.02 5.18 -4.91
C VAL A 98 -6.67 5.54 -3.58
N ILE A 99 -5.90 5.38 -2.51
CA ILE A 99 -6.33 5.73 -1.17
C ILE A 99 -5.34 6.74 -0.62
N TYR A 100 -5.89 7.93 -0.37
CA TYR A 100 -5.21 9.04 0.28
C TYR A 100 -5.36 8.90 1.80
N ILE A 101 -4.27 9.10 2.54
CA ILE A 101 -4.25 8.78 3.95
C ILE A 101 -3.71 9.98 4.72
N LYS A 102 -4.61 10.66 5.44
CA LYS A 102 -4.25 11.82 6.25
C LYS A 102 -3.30 11.40 7.36
N PRO A 103 -2.11 12.04 7.50
CA PRO A 103 -1.05 11.53 8.36
C PRO A 103 -1.49 11.10 9.75
N GLU A 104 -2.34 11.93 10.36
CA GLU A 104 -2.83 11.74 11.73
C GLU A 104 -3.66 10.46 11.89
N THR A 105 -4.00 9.79 10.79
CA THR A 105 -4.81 8.56 10.85
C THR A 105 -4.19 7.47 11.73
N ARG A 106 -5.00 6.97 12.67
CA ARG A 106 -4.68 5.81 13.48
C ARG A 106 -5.39 4.60 12.88
N LEU A 107 -4.61 3.73 12.21
CA LEU A 107 -5.17 2.50 11.67
C LEU A 107 -5.45 1.56 12.82
N PRO A 108 -6.52 0.74 12.72
CA PRO A 108 -6.73 -0.36 13.65
C PRO A 108 -5.49 -1.25 13.74
N ARG A 109 -5.06 -1.49 14.98
CA ARG A 109 -3.99 -2.44 15.21
C ARG A 109 -4.49 -3.87 14.94
N ASN A 110 -5.76 -4.16 15.25
CA ASN A 110 -6.28 -5.50 15.01
C ASN A 110 -6.68 -5.69 13.54
N TYR A 111 -6.20 -6.76 12.92
CA TYR A 111 -6.40 -6.99 11.50
C TYR A 111 -7.89 -6.92 11.10
N ASN A 112 -8.78 -7.52 11.88
CA ASN A 112 -10.17 -7.71 11.48
C ASN A 112 -10.97 -6.42 11.62
N ARG A 113 -10.55 -5.50 12.50
CA ARG A 113 -11.10 -4.15 12.55
C ARG A 113 -10.63 -3.38 11.32
N PHE A 114 -9.36 -3.57 10.97
CA PHE A 114 -8.79 -2.95 9.80
C PHE A 114 -9.54 -3.36 8.54
N ILE A 115 -10.01 -4.62 8.52
CA ILE A 115 -10.77 -5.14 7.39
C ILE A 115 -12.15 -4.49 7.40
N GLY A 116 -12.73 -4.39 8.59
CA GLY A 116 -14.00 -3.71 8.73
C GLY A 116 -13.95 -2.30 8.15
N LEU A 117 -12.84 -1.61 8.44
CA LEU A 117 -12.61 -0.24 7.98
C LEU A 117 -12.51 -0.21 6.45
N MET A 118 -11.84 -1.21 5.87
CA MET A 118 -11.65 -1.25 4.43
C MET A 118 -13.01 -1.48 3.76
N GLU A 119 -13.86 -2.29 4.37
CA GLU A 119 -15.15 -2.56 3.77
C GLU A 119 -15.93 -1.26 3.73
N ASN A 120 -15.88 -0.53 4.85
CA ASN A 120 -16.46 0.79 4.96
C ASN A 120 -15.92 1.65 3.83
N LEU A 121 -14.60 1.85 3.81
CA LEU A 121 -13.99 2.81 2.89
C LEU A 121 -14.46 2.57 1.45
N PHE A 122 -14.49 1.30 0.99
CA PHE A 122 -14.94 0.97 -0.36
C PHE A 122 -16.43 1.25 -0.54
N GLU A 123 -17.21 1.14 0.53
CA GLU A 123 -18.64 1.36 0.46
C GLU A 123 -18.96 2.86 0.36
N LYS A 124 -18.46 3.64 1.30
CA LYS A 124 -18.82 5.04 1.42
C LYS A 124 -17.86 5.91 0.61
N GLY A 125 -16.63 5.43 0.39
CA GLY A 125 -15.67 6.15 -0.44
C GLY A 125 -14.76 7.09 0.35
N ALA A 126 -15.14 7.45 1.58
CA ALA A 126 -14.27 8.20 2.47
C ALA A 126 -14.73 8.02 3.92
N VAL A 127 -13.78 7.78 4.83
CA VAL A 127 -14.17 7.45 6.20
C VAL A 127 -13.22 8.11 7.19
N PRO A 128 -13.73 8.58 8.36
CA PRO A 128 -15.17 8.73 8.58
C PRO A 128 -15.75 9.97 7.91
N GLU A 129 -17.02 10.27 8.20
CA GLU A 129 -17.90 10.95 7.27
C GLU A 129 -17.51 12.42 7.14
N ASP A 130 -17.15 13.05 8.26
CA ASP A 130 -16.69 14.43 8.27
C ASP A 130 -15.20 14.48 7.97
N LEU A 131 -14.42 13.61 8.64
CA LEU A 131 -12.98 13.71 8.71
C LEU A 131 -12.33 13.28 7.39
N GLU A 132 -12.82 12.18 6.82
CA GLU A 132 -12.21 11.60 5.63
C GLU A 132 -10.71 11.46 5.83
N LEU A 133 -10.33 10.77 6.91
CA LEU A 133 -8.94 10.42 7.14
C LEU A 133 -8.47 9.48 6.05
N LEU A 134 -9.41 8.71 5.48
CA LEU A 134 -9.21 7.85 4.32
C LEU A 134 -10.22 8.21 3.24
N ARG A 135 -9.72 8.36 2.02
CA ARG A 135 -10.49 8.78 0.87
C ARG A 135 -10.01 7.99 -0.33
N MET A 136 -10.94 7.52 -1.18
CA MET A 136 -10.60 6.58 -2.24
C MET A 136 -11.29 6.99 -3.54
N GLU A 137 -10.61 6.85 -4.66
CA GLU A 137 -11.19 7.15 -5.95
C GLU A 137 -10.40 6.43 -7.05
N LYS A 138 -11.07 6.31 -8.22
CA LYS A 138 -10.51 5.70 -9.40
C LYS A 138 -9.27 6.50 -9.80
N LYS A 139 -8.14 5.81 -9.98
CA LYS A 139 -6.88 6.47 -10.29
C LYS A 139 -5.79 5.47 -10.63
N THR A 140 -5.16 5.66 -11.80
CA THR A 140 -3.96 4.93 -12.16
C THR A 140 -2.79 5.50 -11.37
N LEU A 141 -1.64 4.82 -11.49
CA LEU A 141 -0.45 5.13 -10.73
C LEU A 141 0.26 6.35 -11.32
N ASN A 142 0.28 6.46 -12.64
CA ASN A 142 0.85 7.64 -13.28
C ASN A 142 0.00 8.87 -13.01
N GLU A 143 -1.31 8.72 -13.06
CA GLU A 143 -2.23 9.78 -12.68
C GLU A 143 -1.91 10.24 -11.25
N LEU A 144 -1.59 9.29 -10.37
CA LEU A 144 -1.27 9.58 -8.99
C LEU A 144 0.08 10.27 -8.86
N ILE A 145 1.07 9.75 -9.61
CA ILE A 145 2.41 10.30 -9.63
C ILE A 145 2.38 11.71 -10.17
N GLU A 146 1.47 11.96 -11.10
CA GLU A 146 1.28 13.29 -11.65
C GLU A 146 0.88 14.24 -10.52
N GLU A 147 -0.13 13.85 -9.76
CA GLU A 147 -0.65 14.67 -8.70
C GLU A 147 0.46 15.04 -7.71
N ILE A 148 1.27 14.04 -7.34
CA ILE A 148 2.37 14.28 -6.42
C ILE A 148 3.34 15.31 -7.01
N ASN A 149 3.60 15.20 -8.32
CA ASN A 149 4.57 16.03 -9.01
C ASN A 149 5.92 15.95 -8.28
N PRO A 150 6.54 14.75 -8.22
CA PRO A 150 7.77 14.55 -7.49
C PRO A 150 8.98 14.84 -8.36
N ASP A 151 10.13 15.07 -7.73
CA ASP A 151 11.35 15.38 -8.44
C ASP A 151 12.18 14.11 -8.66
N VAL A 152 11.73 12.96 -8.11
CA VAL A 152 12.36 11.69 -8.44
C VAL A 152 11.42 10.57 -8.03
N VAL A 153 11.51 9.46 -8.77
CA VAL A 153 10.66 8.31 -8.51
C VAL A 153 11.56 7.08 -8.32
N PHE A 154 11.36 6.37 -7.21
CA PHE A 154 12.13 5.17 -6.97
C PHE A 154 11.17 4.00 -6.91
N ILE A 155 11.57 2.89 -7.55
CA ILE A 155 10.74 1.71 -7.63
C ILE A 155 11.49 0.57 -6.95
N MET A 156 11.03 0.21 -5.76
CA MET A 156 11.70 -0.83 -4.99
C MET A 156 11.39 -2.16 -5.68
N HIS A 157 12.47 -2.80 -6.16
CA HIS A 157 12.39 -3.89 -7.11
C HIS A 157 13.63 -4.76 -6.94
N GLU A 158 13.43 -6.08 -6.93
CA GLU A 158 14.49 -7.02 -6.64
C GLU A 158 15.60 -6.96 -7.69
N GLU A 159 15.26 -6.45 -8.89
CA GLU A 159 16.14 -6.51 -10.04
C GLU A 159 16.76 -5.15 -10.31
N GLY A 160 16.69 -4.26 -9.32
CA GLY A 160 17.21 -2.91 -9.48
C GLY A 160 18.67 -2.79 -9.03
N GLU A 161 19.21 -1.58 -9.23
CA GLU A 161 20.54 -1.14 -8.80
C GLU A 161 20.67 -1.34 -7.30
N LEU A 162 21.68 -2.11 -6.86
CA LEU A 162 21.71 -2.50 -5.45
C LEU A 162 22.24 -1.35 -4.60
N MET A 163 21.61 -1.17 -3.46
CA MET A 163 22.10 -0.19 -2.50
C MET A 163 22.04 -0.76 -1.09
N ILE A 164 23.06 -0.40 -0.30
CA ILE A 164 22.96 -0.39 1.13
C ILE A 164 21.82 0.55 1.50
N PRO A 165 20.89 0.09 2.36
CA PRO A 165 19.78 0.92 2.83
C PRO A 165 20.21 2.27 3.38
N LYS A 166 21.28 2.24 4.19
CA LYS A 166 21.87 3.42 4.79
C LYS A 166 21.96 4.47 3.70
N ASN A 167 22.51 4.03 2.56
CA ASN A 167 22.93 4.91 1.48
C ASN A 167 21.73 5.43 0.72
N PHE A 168 20.72 4.58 0.53
CA PHE A 168 19.52 5.00 -0.16
C PHE A 168 18.96 6.23 0.55
N GLY A 169 18.86 6.14 1.89
CA GLY A 169 18.46 7.24 2.74
C GLY A 169 19.21 8.54 2.43
N LYS A 170 20.54 8.44 2.30
CA LYS A 170 21.35 9.60 2.00
C LYS A 170 21.00 10.14 0.61
N LEU A 171 20.43 9.26 -0.21
CA LEU A 171 20.11 9.57 -1.58
C LEU A 171 18.80 10.33 -1.62
N LEU A 172 17.79 9.74 -0.95
CA LEU A 172 16.48 10.33 -0.80
C LEU A 172 16.56 11.75 -0.22
N ASP A 173 17.58 12.00 0.61
CA ASP A 173 17.65 13.29 1.29
C ASP A 173 18.05 14.37 0.28
N LYS A 174 18.65 13.94 -0.84
CA LYS A 174 19.16 14.87 -1.84
C LYS A 174 18.02 15.41 -2.71
N PHE A 175 16.77 14.98 -2.45
CA PHE A 175 15.64 15.52 -3.19
C PHE A 175 14.63 16.17 -2.24
N LYS A 176 13.71 16.95 -2.84
CA LYS A 176 12.74 17.74 -2.10
C LYS A 176 11.47 16.93 -1.91
N LYS A 177 11.11 16.11 -2.90
CA LYS A 177 9.83 15.43 -2.89
C LYS A 177 9.97 14.03 -3.51
N PRO A 178 10.91 13.19 -3.03
CA PRO A 178 11.11 11.87 -3.61
C PRO A 178 9.93 10.91 -3.41
N THR A 179 9.46 10.30 -4.49
CA THR A 179 8.52 9.22 -4.33
C THR A 179 9.23 7.86 -4.32
N VAL A 180 8.71 6.96 -3.47
CA VAL A 180 9.18 5.59 -3.43
C VAL A 180 7.96 4.68 -3.54
N ILE A 181 8.08 3.65 -4.39
CA ILE A 181 6.97 2.79 -4.74
C ILE A 181 7.33 1.35 -4.34
N VAL A 182 6.53 0.81 -3.43
CA VAL A 182 6.66 -0.53 -2.90
C VAL A 182 5.44 -1.32 -3.35
N GLY A 183 5.70 -2.52 -3.88
CA GLY A 183 4.64 -3.38 -4.37
C GLY A 183 3.85 -3.96 -3.19
N GLY A 184 2.53 -3.92 -3.31
CA GLY A 184 1.67 -4.29 -2.20
C GLY A 184 1.20 -5.73 -2.32
N PHE A 185 2.06 -6.57 -2.91
CA PHE A 185 1.63 -7.88 -3.35
C PHE A 185 2.67 -8.89 -2.92
N PRO A 186 2.25 -10.15 -2.62
CA PRO A 186 3.13 -11.15 -2.03
C PRO A 186 4.33 -11.53 -2.91
N HIS A 187 4.08 -11.67 -4.21
CA HIS A 187 5.10 -12.15 -5.14
C HIS A 187 4.70 -11.80 -6.57
N GLY A 188 5.65 -12.00 -7.49
CA GLY A 188 5.48 -11.65 -8.89
C GLY A 188 5.99 -10.24 -9.18
N ASP A 189 5.84 -9.80 -10.44
CA ASP A 189 6.29 -8.48 -10.85
C ASP A 189 5.15 -7.49 -10.66
N PHE A 190 5.48 -6.19 -10.71
CA PHE A 190 4.47 -5.14 -10.75
C PHE A 190 3.57 -5.34 -11.97
N LYS A 191 2.33 -4.80 -11.86
CA LYS A 191 1.40 -4.78 -12.98
C LYS A 191 1.52 -3.44 -13.70
N SER A 192 1.44 -2.34 -12.94
CA SER A 192 1.64 -1.00 -13.48
C SER A 192 3.12 -0.81 -13.82
N LYS A 193 3.41 -0.49 -15.07
CA LYS A 193 4.75 -0.09 -15.45
C LYS A 193 4.78 1.42 -15.57
N VAL A 194 5.64 2.05 -14.77
CA VAL A 194 5.81 3.49 -14.77
C VAL A 194 7.31 3.78 -14.84
N ASP A 195 7.63 5.06 -15.13
CA ASP A 195 9.00 5.55 -15.09
C ASP A 195 9.46 5.57 -13.64
N GLY A 196 10.75 5.32 -13.43
CA GLY A 196 11.34 5.31 -12.10
C GLY A 196 12.63 4.51 -12.05
N VAL A 197 13.43 4.80 -11.02
CA VAL A 197 14.72 4.19 -10.79
C VAL A 197 14.51 2.93 -9.97
N LYS A 198 15.03 1.80 -10.44
CA LYS A 198 14.80 0.51 -9.81
C LYS A 198 15.92 0.23 -8.82
N ILE A 199 15.52 0.01 -7.57
CA ILE A 199 16.46 -0.08 -6.46
C ILE A 199 16.20 -1.39 -5.74
N SER A 200 17.27 -2.16 -5.54
CA SER A 200 17.25 -3.31 -4.65
C SER A 200 18.06 -2.98 -3.40
N LEU A 201 17.48 -3.26 -2.22
CA LEU A 201 18.12 -2.95 -0.95
C LEU A 201 18.87 -4.15 -0.38
N TYR A 202 18.62 -5.33 -0.95
CA TYR A 202 19.23 -6.57 -0.53
C TYR A 202 19.27 -7.46 -1.77
N ARG A 203 19.84 -8.66 -1.63
CA ARG A 203 19.86 -9.52 -2.78
C ARG A 203 18.61 -10.38 -2.82
N GLU A 204 18.53 -11.35 -1.87
CA GLU A 204 17.35 -12.17 -1.73
C GLU A 204 16.13 -11.26 -1.60
N PRO A 205 14.96 -11.70 -2.11
CA PRO A 205 13.74 -10.88 -2.06
C PRO A 205 13.24 -10.64 -0.63
N LEU A 206 12.63 -9.46 -0.42
CA LEU A 206 12.11 -9.07 0.88
C LEU A 206 10.62 -8.80 0.75
N MET A 207 9.94 -8.80 1.89
CA MET A 207 8.52 -8.50 1.91
C MET A 207 8.35 -6.98 1.90
N ALA A 208 7.17 -6.54 1.44
CA ALA A 208 6.83 -5.12 1.39
C ALA A 208 7.24 -4.41 2.69
N TRP A 209 6.77 -4.88 3.86
CA TRP A 209 6.98 -4.14 5.10
C TRP A 209 8.46 -3.97 5.44
N THR A 210 9.26 -5.02 5.21
CA THR A 210 10.69 -4.96 5.39
C THR A 210 11.25 -3.81 4.58
N ILE A 211 10.84 -3.78 3.30
CA ILE A 211 11.27 -2.74 2.38
C ILE A 211 10.85 -1.39 2.98
N VAL A 212 9.58 -1.28 3.39
CA VAL A 212 9.06 -0.04 3.96
C VAL A 212 9.92 0.42 5.15
N ASN A 213 10.25 -0.51 6.05
CA ASN A 213 10.96 -0.19 7.28
C ASN A 213 12.41 0.20 7.01
N GLU A 214 13.06 -0.49 6.07
CA GLU A 214 14.39 -0.13 5.62
C GLU A 214 14.38 1.29 5.05
N VAL A 215 13.42 1.56 4.15
CA VAL A 215 13.36 2.82 3.45
C VAL A 215 13.09 3.98 4.40
N ILE A 216 12.16 3.78 5.35
CA ILE A 216 11.70 4.89 6.16
C ILE A 216 12.80 5.26 7.16
N VAL A 217 13.41 4.26 7.78
CA VAL A 217 14.38 4.50 8.84
C VAL A 217 15.63 5.16 8.25
N SER A 218 16.04 4.70 7.05
CA SER A 218 17.23 5.23 6.40
C SER A 218 17.04 6.71 6.06
N TYR A 219 15.82 7.10 5.68
CA TYR A 219 15.53 8.50 5.43
C TYR A 219 15.48 9.22 6.78
N GLU A 220 14.77 8.65 7.76
CA GLU A 220 14.64 9.25 9.08
C GLU A 220 15.97 9.82 9.57
N TRP A 221 17.04 9.04 9.49
CA TRP A 221 18.30 9.43 10.10
C TRP A 221 19.03 10.46 9.25
N GLU A 222 18.55 10.60 8.02
CA GLU A 222 19.09 11.60 7.10
C GLU A 222 18.26 12.87 7.16
N VAL A 223 16.93 12.76 7.22
CA VAL A 223 16.09 13.92 6.97
C VAL A 223 15.74 14.59 8.29
N ILE A 224 15.61 13.79 9.35
CA ILE A 224 15.31 14.33 10.66
C ILE A 224 16.61 14.90 11.20
N LYS A 225 16.64 16.23 11.33
CA LYS A 225 17.84 16.99 11.60
C LYS A 225 18.40 16.58 12.96
N LYS A 226 17.49 16.46 13.93
CA LYS A 226 17.81 16.04 15.29
C LYS A 226 18.65 14.77 15.29
N PHE A 227 18.57 13.98 14.21
CA PHE A 227 19.29 12.72 14.11
C PHE A 227 20.61 12.93 13.37
#